data_1T8O
#
_entry.id   1T8O
#
_cell.length_a   100.230
_cell.length_b   100.230
_cell.length_c   204.650
_cell.angle_alpha   90.00
_cell.angle_beta   90.00
_cell.angle_gamma   120.00
#
_symmetry.space_group_name_H-M   'P 61'
#
loop_
_entity.id
_entity.type
_entity.pdbx_description
1 polymer 'Chymotrypsin A'
2 polymer 'Pancreatic trypsin inhibitor'
3 non-polymer 'SULFATE ION'
4 water water
#
loop_
_entity_poly.entity_id
_entity_poly.type
_entity_poly.pdbx_seq_one_letter_code
_entity_poly.pdbx_strand_id
1 'polypeptide(L)'
;CGVPAIQPVLSGLSRIVNGEEAVPGSWPWQVSLQDKTGFHFCGGSLINENWVVTAAHCGVTTSDVVVAGEFDQGSSSEKI
QKLKIAKVFKNSKYNSLTINNDITLLKLSTAASFSQTVSAVCLPSASDDFAAGTTCVTTGWGLTRYTNANTPDRLQQASL
PLLSNTNCKKYWGTKIKDAMICAGASGVSSCMGDSGGPLVCKKNGAWTLVGIVSWGSSTCSTSTPGVYARVTALVNWVQQ
TLAAN
;
A,C
2 'polypeptide(L)' RPDFCLEPPYTGPCWARIIRYFYNAKAGLCQTFVYGGCRAKRNNFKSAEDCLRTCGGA B,D
#
loop_
_chem_comp.id
_chem_comp.type
_chem_comp.name
_chem_comp.formula
SO4 non-polymer 'SULFATE ION' 'O4 S -2'
#
# COMPACT_ATOMS: atom_id res chain seq x y z
N CYS A 1 14.28 -21.12 34.44
CA CYS A 1 14.14 -21.03 32.96
C CYS A 1 14.01 -22.40 32.32
N GLY A 2 13.51 -22.42 31.08
CA GLY A 2 13.39 -23.64 30.31
C GLY A 2 12.43 -24.71 30.79
N VAL A 3 11.61 -24.40 31.78
CA VAL A 3 10.65 -25.37 32.29
C VAL A 3 9.24 -24.79 32.28
N PRO A 4 8.47 -25.13 31.24
CA PRO A 4 7.09 -24.64 31.08
C PRO A 4 6.15 -25.14 32.18
N ALA A 5 5.30 -24.26 32.69
CA ALA A 5 4.33 -24.65 33.71
C ALA A 5 3.35 -25.61 33.04
N ILE A 6 3.14 -25.41 31.74
CA ILE A 6 2.25 -26.24 30.96
C ILE A 6 3.13 -27.03 29.99
N GLN A 7 3.23 -28.34 30.19
CA GLN A 7 4.07 -29.18 29.34
C GLN A 7 3.58 -29.26 27.90
N PRO A 8 4.51 -29.17 26.94
CA PRO A 8 4.14 -29.26 25.53
C PRO A 8 3.93 -30.71 25.13
N VAL A 9 3.18 -30.91 24.05
CA VAL A 9 2.92 -32.25 23.53
C VAL A 9 3.58 -32.31 22.16
N LEU A 10 4.63 -33.12 22.04
CA LEU A 10 5.37 -33.24 20.80
C LEU A 10 4.94 -34.42 19.93
N SER A 11 5.23 -34.32 18.64
CA SER A 11 4.88 -35.36 17.67
C SER A 11 3.38 -35.46 17.47
N ILE A 16 5.62 -21.97 10.30
CA ILE A 16 6.19 -23.35 10.25
C ILE A 16 5.37 -24.25 9.35
N VAL A 17 6.03 -24.82 8.34
CA VAL A 17 5.37 -25.71 7.39
C VAL A 17 5.43 -27.15 7.87
N ASN A 18 4.29 -27.83 7.83
N ASN A 18 4.27 -27.82 7.84
CA ASN A 18 4.17 -29.23 8.25
CA ASN A 18 4.12 -29.21 8.24
C ASN A 18 4.46 -29.47 9.72
C ASN A 18 4.43 -29.47 9.71
N GLY A 19 4.19 -28.46 10.54
CA GLY A 19 4.42 -28.61 11.97
C GLY A 19 3.07 -28.94 12.58
N GLU A 20 2.88 -28.67 13.86
CA GLU A 20 1.60 -28.94 14.49
C GLU A 20 1.23 -27.85 15.48
N GLU A 21 -0.06 -27.71 15.77
CA GLU A 21 -0.53 -26.70 16.71
C GLU A 21 0.03 -27.02 18.10
N ALA A 22 0.51 -26.00 18.80
CA ALA A 22 1.07 -26.21 20.13
C ALA A 22 0.00 -26.18 21.21
N VAL A 23 0.30 -26.78 22.35
CA VAL A 23 -0.63 -26.75 23.47
C VAL A 23 -0.55 -25.32 23.96
N PRO A 24 -1.70 -24.65 24.13
CA PRO A 24 -1.72 -23.26 24.60
C PRO A 24 -0.83 -22.98 25.80
N GLY A 25 0.09 -22.03 25.65
CA GLY A 25 0.99 -21.65 26.73
C GLY A 25 2.13 -22.61 27.04
N SER A 26 2.32 -23.64 26.23
CA SER A 26 3.40 -24.61 26.47
C SER A 26 4.81 -24.13 26.05
N TRP A 27 4.89 -22.96 25.43
CA TRP A 27 6.18 -22.38 25.03
C TRP A 27 6.08 -20.94 25.53
N PRO A 28 6.06 -20.76 26.87
CA PRO A 28 5.95 -19.49 27.59
C PRO A 28 6.94 -18.37 27.29
N TRP A 29 8.07 -18.69 26.66
CA TRP A 29 9.04 -17.66 26.33
C TRP A 29 8.80 -17.09 24.93
N GLN A 30 7.99 -17.78 24.13
CA GLN A 30 7.68 -17.32 22.78
C GLN A 30 6.88 -16.02 22.81
N VAL A 31 7.39 -15.00 22.15
CA VAL A 31 6.67 -13.73 22.08
C VAL A 31 6.43 -13.40 20.61
N SER A 32 5.50 -12.49 20.39
CA SER A 32 5.18 -12.04 19.04
C SER A 32 5.61 -10.60 18.97
N LEU A 33 6.40 -10.25 17.96
CA LEU A 33 6.85 -8.88 17.79
C LEU A 33 5.87 -8.26 16.79
N GLN A 34 5.20 -7.19 17.20
CA GLN A 34 4.20 -6.55 16.36
C GLN A 34 4.41 -5.05 16.23
N ASP A 35 3.85 -4.45 15.17
CA ASP A 35 3.99 -3.02 15.04
C ASP A 35 2.89 -2.38 15.86
N LYS A 36 2.82 -1.05 15.85
CA LYS A 36 1.83 -0.32 16.62
C LYS A 36 0.38 -0.69 16.34
N THR A 37 0.12 -1.31 15.19
CA THR A 37 -1.26 -1.68 14.84
C THR A 37 -1.61 -3.11 15.24
N GLY A 38 -0.60 -3.86 15.67
CA GLY A 38 -0.82 -5.25 16.05
C GLY A 38 -0.39 -6.24 14.98
N PHE A 39 0.30 -5.75 13.96
CA PHE A 39 0.75 -6.63 12.88
C PHE A 39 2.01 -7.41 13.26
N HIS A 40 1.89 -8.74 13.28
CA HIS A 40 3.00 -9.64 13.63
C HIS A 40 4.03 -9.72 12.50
N PHE A 41 5.27 -9.34 12.80
CA PHE A 41 6.32 -9.40 11.78
C PHE A 41 7.47 -10.34 12.14
N CYS A 42 7.55 -10.72 13.41
CA CYS A 42 8.64 -11.60 13.85
C CYS A 42 8.33 -12.21 15.20
N GLY A 43 9.08 -13.25 15.55
CA GLY A 43 8.93 -13.89 16.84
C GLY A 43 10.10 -13.47 17.69
N GLY A 44 10.11 -13.92 18.95
CA GLY A 44 11.20 -13.60 19.86
C GLY A 44 11.13 -14.54 21.04
N SER A 45 12.12 -14.47 21.92
CA SER A 45 12.17 -15.33 23.11
C SER A 45 12.54 -14.53 24.35
N LEU A 46 11.75 -14.67 25.40
CA LEU A 46 12.03 -13.99 26.66
C LEU A 46 13.19 -14.72 27.33
N ILE A 47 14.21 -13.99 27.77
CA ILE A 47 15.35 -14.63 28.46
C ILE A 47 15.33 -14.28 29.94
N ASN A 48 14.42 -13.38 30.30
CA ASN A 48 14.17 -12.94 31.67
C ASN A 48 13.01 -11.94 31.59
N GLU A 49 12.61 -11.38 32.73
CA GLU A 49 11.48 -10.46 32.74
C GLU A 49 11.66 -9.12 32.02
N ASN A 50 12.90 -8.74 31.72
CA ASN A 50 13.14 -7.45 31.09
C ASN A 50 13.79 -7.51 29.70
N TRP A 51 14.14 -8.70 29.25
CA TRP A 51 14.80 -8.83 27.95
C TRP A 51 14.26 -9.91 27.02
N VAL A 52 14.25 -9.58 25.73
CA VAL A 52 13.80 -10.49 24.69
C VAL A 52 14.91 -10.60 23.67
N VAL A 53 15.18 -11.80 23.19
CA VAL A 53 16.21 -11.99 22.17
C VAL A 53 15.49 -12.34 20.87
N THR A 54 15.91 -11.72 19.78
CA THR A 54 15.29 -11.96 18.48
C THR A 54 16.36 -11.85 17.39
N ALA A 55 15.94 -11.80 16.14
CA ALA A 55 16.90 -11.72 15.03
C ALA A 55 17.16 -10.26 14.66
N ALA A 56 18.38 -9.98 14.22
CA ALA A 56 18.74 -8.63 13.83
C ALA A 56 18.00 -8.20 12.56
N HIS A 57 17.78 -9.13 11.63
CA HIS A 57 17.09 -8.77 10.39
C HIS A 57 15.62 -8.41 10.57
N CYS A 58 15.08 -8.66 11.76
CA CYS A 58 13.68 -8.31 12.02
C CYS A 58 13.52 -6.80 12.07
N GLY A 59 14.63 -6.09 12.28
CA GLY A 59 14.62 -4.64 12.32
C GLY A 59 13.69 -3.99 13.33
N VAL A 60 13.60 -4.59 14.52
CA VAL A 60 12.73 -4.06 15.56
C VAL A 60 13.14 -2.65 15.98
N THR A 61 12.15 -1.81 16.29
CA THR A 61 12.40 -0.45 16.75
C THR A 61 11.61 -0.24 18.03
N THR A 62 11.84 0.88 18.71
CA THR A 62 11.13 1.18 19.95
C THR A 62 9.66 1.51 19.71
N SER A 63 9.23 1.53 18.45
CA SER A 63 7.83 1.80 18.13
C SER A 63 7.06 0.49 18.11
N ASP A 64 7.79 -0.62 18.03
CA ASP A 64 7.18 -1.93 18.01
C ASP A 64 6.89 -2.39 19.42
N VAL A 65 6.13 -3.47 19.56
CA VAL A 65 5.78 -3.99 20.88
C VAL A 65 6.01 -5.48 20.99
N VAL A 66 6.23 -5.93 22.22
CA VAL A 66 6.43 -7.34 22.50
C VAL A 66 5.13 -7.86 23.09
N VAL A 67 4.58 -8.90 22.48
CA VAL A 67 3.34 -9.48 22.97
C VAL A 67 3.65 -10.84 23.57
N ALA A 68 3.52 -10.94 24.89
CA ALA A 68 3.80 -12.18 25.60
C ALA A 68 2.53 -12.88 26.06
N GLY A 69 2.65 -14.19 26.27
CA GLY A 69 1.54 -14.98 26.74
C GLY A 69 0.44 -15.20 25.72
N GLU A 70 0.78 -15.05 24.44
CA GLU A 70 -0.20 -15.22 23.38
C GLU A 70 -0.20 -16.63 22.78
N PHE A 71 -1.36 -17.05 22.30
CA PHE A 71 -1.51 -18.35 21.66
C PHE A 71 -2.27 -18.18 20.36
N ASP A 72 -3.48 -17.64 20.47
CA ASP A 72 -4.36 -17.42 19.32
C ASP A 72 -4.39 -15.93 18.99
N GLN A 73 -3.69 -15.53 17.93
CA GLN A 73 -3.65 -14.13 17.55
C GLN A 73 -4.98 -13.66 16.97
N GLY A 74 -5.87 -14.61 16.70
CA GLY A 74 -7.18 -14.28 16.17
C GLY A 74 -8.23 -14.12 17.25
N SER A 75 -7.80 -14.27 18.51
CA SER A 75 -8.71 -14.15 19.64
C SER A 75 -8.54 -12.79 20.32
N SER A 76 -9.61 -11.98 20.28
CA SER A 76 -9.58 -10.65 20.88
C SER A 76 -9.74 -10.70 22.40
N SER A 77 -10.31 -11.79 22.90
CA SER A 77 -10.54 -11.95 24.33
C SER A 77 -9.34 -12.52 25.09
N GLU A 78 -8.54 -13.32 24.40
CA GLU A 78 -7.37 -13.95 25.02
C GLU A 78 -6.53 -12.93 25.80
N LYS A 79 -6.18 -13.28 27.03
CA LYS A 79 -5.38 -12.39 27.87
C LYS A 79 -3.91 -12.47 27.51
N ILE A 80 -3.32 -11.32 27.23
CA ILE A 80 -1.92 -11.25 26.85
C ILE A 80 -1.27 -10.03 27.49
N GLN A 81 0.04 -9.88 27.26
CA GLN A 81 0.78 -8.75 27.79
C GLN A 81 1.44 -7.99 26.64
N LYS A 82 0.95 -6.77 26.38
CA LYS A 82 1.52 -5.94 25.33
C LYS A 82 2.57 -5.09 26.03
N LEU A 83 3.84 -5.41 25.78
CA LEU A 83 4.95 -4.72 26.41
C LEU A 83 5.71 -3.77 25.49
N LYS A 84 5.91 -2.55 25.97
CA LYS A 84 6.65 -1.56 25.20
C LYS A 84 8.14 -1.85 25.25
N ILE A 85 8.84 -1.43 24.21
CA ILE A 85 10.29 -1.64 24.11
C ILE A 85 11.02 -0.35 24.46
N ALA A 86 11.89 -0.41 25.47
CA ALA A 86 12.64 0.77 25.90
C ALA A 86 13.84 1.05 25.00
N LYS A 87 14.57 0.00 24.63
CA LYS A 87 15.74 0.18 23.78
C LYS A 87 16.05 -1.09 22.99
N VAL A 88 16.60 -0.90 21.80
CA VAL A 88 16.94 -2.02 20.93
C VAL A 88 18.46 -2.13 20.81
N PHE A 89 18.99 -3.32 21.10
CA PHE A 89 20.42 -3.55 21.02
C PHE A 89 20.74 -4.54 19.91
N LYS A 90 21.02 -4.01 18.72
CA LYS A 90 21.36 -4.84 17.58
C LYS A 90 22.85 -5.15 17.65
N ASN A 91 23.21 -6.41 17.49
CA ASN A 91 24.63 -6.80 17.54
C ASN A 91 25.35 -6.04 16.43
N SER A 92 26.35 -5.24 16.80
CA SER A 92 27.09 -4.44 15.83
C SER A 92 27.83 -5.29 14.80
N LYS A 93 27.97 -6.58 15.08
CA LYS A 93 28.66 -7.47 14.15
C LYS A 93 27.71 -8.11 13.14
N TYR A 94 26.42 -7.77 13.23
CA TYR A 94 25.46 -8.32 12.29
C TYR A 94 25.92 -7.91 10.89
N ASN A 95 26.03 -8.89 10.01
CA ASN A 95 26.46 -8.64 8.65
C ASN A 95 25.22 -8.64 7.76
N SER A 96 24.82 -7.47 7.28
CA SER A 96 23.62 -7.36 6.44
C SER A 96 23.78 -7.99 5.07
N LEU A 97 24.99 -8.45 4.75
CA LEU A 97 25.22 -9.07 3.46
C LEU A 97 25.24 -10.60 3.58
N THR A 98 25.93 -11.12 4.58
CA THR A 98 26.02 -12.56 4.77
C THR A 98 24.97 -13.07 5.75
N ILE A 99 24.38 -12.15 6.50
CA ILE A 99 23.37 -12.47 7.51
C ILE A 99 23.98 -13.12 8.75
N ASN A 100 25.31 -13.08 8.87
CA ASN A 100 25.96 -13.68 10.03
C ASN A 100 25.78 -12.80 11.27
N ASN A 101 25.77 -13.42 12.45
CA ASN A 101 25.60 -12.72 13.73
C ASN A 101 24.24 -12.04 13.76
N ASP A 102 23.22 -12.79 13.34
CA ASP A 102 21.85 -12.29 13.25
C ASP A 102 21.11 -12.33 14.58
N ILE A 103 21.44 -11.39 15.47
CA ILE A 103 20.82 -11.36 16.78
C ILE A 103 20.65 -9.93 17.30
N THR A 104 19.55 -9.71 18.00
CA THR A 104 19.25 -8.41 18.57
C THR A 104 18.56 -8.62 19.91
N LEU A 105 18.88 -7.77 20.88
CA LEU A 105 18.27 -7.84 22.20
C LEU A 105 17.33 -6.67 22.37
N LEU A 106 16.19 -6.92 23.01
CA LEU A 106 15.19 -5.89 23.25
C LEU A 106 15.03 -5.72 24.75
N LYS A 107 15.23 -4.50 25.25
CA LYS A 107 15.06 -4.23 26.67
C LYS A 107 13.68 -3.62 26.83
N LEU A 108 12.83 -4.27 27.61
CA LEU A 108 11.46 -3.82 27.83
C LEU A 108 11.37 -2.60 28.73
N SER A 109 10.43 -1.71 28.43
CA SER A 109 10.22 -0.50 29.22
C SER A 109 9.66 -0.90 30.57
N THR A 110 8.72 -1.85 30.55
CA THR A 110 8.10 -2.37 31.76
C THR A 110 8.30 -3.88 31.76
N ALA A 111 8.79 -4.40 32.88
CA ALA A 111 9.04 -5.83 33.01
C ALA A 111 7.80 -6.66 32.71
N ALA A 112 8.04 -7.84 32.14
CA ALA A 112 6.95 -8.76 31.83
C ALA A 112 6.58 -9.43 33.15
N SER A 113 5.30 -9.75 33.31
N SER A 113 5.30 -9.76 33.31
CA SER A 113 4.83 -10.42 34.52
CA SER A 113 4.83 -10.42 34.51
C SER A 113 4.81 -11.92 34.26
C SER A 113 4.80 -11.92 34.27
N PHE A 114 5.81 -12.62 34.78
CA PHE A 114 5.90 -14.06 34.60
C PHE A 114 4.73 -14.79 35.24
N SER A 115 4.35 -15.89 34.62
CA SER A 115 3.22 -16.69 35.08
C SER A 115 3.25 -18.06 34.43
N GLN A 116 2.10 -18.74 34.50
CA GLN A 116 1.97 -20.07 33.93
C GLN A 116 2.14 -20.05 32.41
N THR A 117 1.88 -18.92 31.77
CA THR A 117 2.01 -18.82 30.32
C THR A 117 3.09 -17.85 29.86
N VAL A 118 3.81 -17.26 30.80
CA VAL A 118 4.88 -16.32 30.46
C VAL A 118 6.10 -16.54 31.34
N SER A 119 7.19 -17.00 30.74
CA SER A 119 8.43 -17.24 31.46
C SER A 119 9.62 -17.25 30.50
N ALA A 120 10.82 -17.44 31.03
CA ALA A 120 12.01 -17.40 30.20
C ALA A 120 12.60 -18.73 29.73
N VAL A 121 13.32 -18.66 28.62
CA VAL A 121 13.98 -19.83 28.06
C VAL A 121 15.40 -19.75 28.63
N CYS A 122 16.08 -20.87 28.73
CA CYS A 122 17.45 -20.84 29.23
C CYS A 122 18.41 -20.51 28.11
N LEU A 123 19.53 -19.91 28.47
CA LEU A 123 20.58 -19.58 27.50
C LEU A 123 21.69 -20.59 27.69
N PRO A 124 22.38 -20.97 26.60
CA PRO A 124 23.46 -21.94 26.69
C PRO A 124 24.77 -21.26 27.08
N SER A 125 25.78 -22.06 27.33
CA SER A 125 27.11 -21.54 27.65
C SER A 125 27.81 -21.52 26.29
N ALA A 126 28.72 -20.58 26.10
CA ALA A 126 29.44 -20.47 24.83
C ALA A 126 30.11 -21.77 24.42
N SER A 127 30.47 -22.60 25.41
CA SER A 127 31.14 -23.87 25.13
C SER A 127 30.23 -25.07 24.93
N ASP A 128 28.92 -24.89 25.12
CA ASP A 128 28.00 -26.01 24.95
C ASP A 128 28.05 -26.62 23.56
N ASP A 129 27.92 -27.93 23.51
CA ASP A 129 27.96 -28.66 22.25
C ASP A 129 26.70 -29.48 22.05
N PHE A 130 25.82 -29.01 21.17
CA PHE A 130 24.59 -29.74 20.87
C PHE A 130 24.87 -30.52 19.59
N ALA A 131 25.11 -31.81 19.77
CA ALA A 131 25.44 -32.72 18.68
C ALA A 131 24.46 -32.76 17.53
N ALA A 132 24.98 -32.97 16.33
CA ALA A 132 24.16 -33.05 15.14
C ALA A 132 23.26 -34.26 15.31
N GLY A 133 22.03 -34.17 14.82
CA GLY A 133 21.10 -35.28 14.94
C GLY A 133 20.20 -35.10 16.15
N THR A 134 20.62 -34.24 17.08
CA THR A 134 19.83 -33.97 18.27
C THR A 134 18.48 -33.41 17.83
N THR A 135 17.41 -33.96 18.40
CA THR A 135 16.07 -33.49 18.07
C THR A 135 15.72 -32.28 18.93
N CYS A 136 15.45 -31.16 18.27
CA CYS A 136 15.10 -29.95 18.99
C CYS A 136 13.73 -29.49 18.50
N VAL A 137 13.30 -28.32 18.94
CA VAL A 137 12.00 -27.80 18.55
C VAL A 137 12.03 -26.32 18.21
N THR A 138 11.24 -25.93 17.22
CA THR A 138 11.15 -24.53 16.85
C THR A 138 9.66 -24.19 16.86
N THR A 139 9.34 -22.94 17.19
CA THR A 139 7.95 -22.52 17.29
C THR A 139 7.73 -21.14 16.66
N GLY A 140 6.47 -20.82 16.38
CA GLY A 140 6.17 -19.51 15.81
C GLY A 140 4.85 -19.45 15.07
N TRP A 141 4.50 -18.24 14.62
CA TRP A 141 3.27 -18.01 13.88
C TRP A 141 3.56 -17.77 12.39
N GLY A 142 4.67 -18.30 11.91
CA GLY A 142 5.02 -18.13 10.50
C GLY A 142 4.09 -18.94 9.61
N LEU A 143 4.12 -18.68 8.31
CA LEU A 143 3.27 -19.40 7.36
C LEU A 143 3.36 -20.91 7.52
N THR A 144 2.24 -21.60 7.31
CA THR A 144 2.19 -23.06 7.41
C THR A 144 2.17 -23.63 5.99
N ARG A 145 2.04 -22.73 5.01
CA ARG A 145 2.02 -23.11 3.60
C ARG A 145 2.59 -21.94 2.81
N TYR A 146 3.51 -22.22 1.90
CA TYR A 146 4.10 -21.15 1.10
C TYR A 146 3.26 -20.84 -0.13
N ALA A 149 -1.17 -15.79 1.06
CA ALA A 149 -1.12 -16.69 2.25
C ALA A 149 -0.96 -15.88 3.53
N ASN A 150 -1.84 -16.16 4.50
CA ASN A 150 -1.80 -15.46 5.78
C ASN A 150 -1.26 -16.39 6.86
N THR A 151 -0.78 -15.81 7.95
CA THR A 151 -0.22 -16.59 9.05
C THR A 151 -1.29 -17.33 9.85
N PRO A 152 -0.94 -18.47 10.45
CA PRO A 152 -1.91 -19.22 11.25
C PRO A 152 -2.23 -18.42 12.50
N ASP A 153 -3.46 -18.48 12.98
CA ASP A 153 -3.83 -17.74 14.18
C ASP A 153 -3.17 -18.34 15.42
N ARG A 154 -3.13 -19.66 15.49
CA ARG A 154 -2.57 -20.35 16.65
C ARG A 154 -1.12 -20.75 16.53
N LEU A 155 -0.38 -20.59 17.62
CA LEU A 155 1.04 -20.91 17.67
C LEU A 155 1.34 -22.33 17.19
N GLN A 156 2.34 -22.45 16.32
CA GLN A 156 2.74 -23.75 15.78
C GLN A 156 4.08 -24.18 16.35
N GLN A 157 4.38 -25.47 16.20
CA GLN A 157 5.63 -26.05 16.68
C GLN A 157 6.04 -27.16 15.73
N ALA A 158 7.31 -27.54 15.80
CA ALA A 158 7.82 -28.62 14.97
C ALA A 158 9.10 -29.17 15.57
N SER A 159 9.23 -30.48 15.59
CA SER A 159 10.44 -31.11 16.09
C SER A 159 11.31 -31.29 14.85
N LEU A 160 12.60 -31.02 14.98
CA LEU A 160 13.51 -31.14 13.85
C LEU A 160 14.91 -31.39 14.35
N PRO A 161 15.74 -32.06 13.54
CA PRO A 161 17.12 -32.35 13.93
C PRO A 161 18.13 -31.28 13.59
N LEU A 162 19.13 -31.15 14.44
CA LEU A 162 20.21 -30.20 14.19
C LEU A 162 21.05 -30.89 13.12
N LEU A 163 21.67 -30.10 12.24
CA LEU A 163 22.51 -30.67 11.20
C LEU A 163 23.94 -30.25 11.42
N SER A 164 24.88 -31.09 11.01
CA SER A 164 26.29 -30.77 11.14
C SER A 164 26.59 -29.71 10.09
N ASN A 165 27.59 -28.88 10.34
CA ASN A 165 27.94 -27.84 9.38
C ASN A 165 28.29 -28.46 8.04
N THR A 166 28.97 -29.61 8.09
CA THR A 166 29.35 -30.31 6.87
C THR A 166 28.13 -30.72 6.05
N ASN A 167 27.12 -31.27 6.72
CA ASN A 167 25.92 -31.68 6.01
C ASN A 167 25.13 -30.48 5.52
N CYS A 168 25.13 -29.41 6.29
CA CYS A 168 24.39 -28.21 5.88
C CYS A 168 25.05 -27.59 4.66
N LYS A 169 26.38 -27.55 4.68
CA LYS A 169 27.13 -26.98 3.57
C LYS A 169 26.96 -27.78 2.29
N LYS A 170 26.51 -29.02 2.42
CA LYS A 170 26.30 -29.84 1.23
C LYS A 170 25.25 -29.16 0.35
N TYR A 171 24.41 -28.32 0.96
CA TYR A 171 23.41 -27.60 0.20
C TYR A 171 23.76 -26.12 0.06
N TRP A 172 23.95 -25.45 1.19
CA TRP A 172 24.25 -24.02 1.22
C TRP A 172 25.69 -23.58 0.97
N GLY A 173 26.61 -24.53 0.91
CA GLY A 173 28.00 -24.17 0.68
C GLY A 173 28.58 -23.11 1.59
N THR A 174 29.34 -22.20 1.01
CA THR A 174 29.99 -21.14 1.76
C THR A 174 29.09 -20.05 2.34
N LYS A 175 27.78 -20.18 2.14
CA LYS A 175 26.86 -19.19 2.69
C LYS A 175 26.68 -19.43 4.19
N ILE A 176 27.09 -20.60 4.67
CA ILE A 176 26.99 -20.92 6.09
C ILE A 176 28.20 -20.36 6.81
N LYS A 177 27.97 -19.42 7.74
CA LYS A 177 29.04 -18.77 8.49
C LYS A 177 29.15 -19.29 9.93
N ASP A 178 30.18 -18.85 10.64
CA ASP A 178 30.42 -19.33 12.00
C ASP A 178 29.39 -19.04 13.08
N ALA A 179 28.52 -18.06 12.87
CA ALA A 179 27.50 -17.76 13.87
C ALA A 179 26.14 -18.30 13.41
N MET A 180 26.18 -19.33 12.58
CA MET A 180 24.95 -19.97 12.07
C MET A 180 24.96 -21.45 12.40
N ILE A 181 23.77 -22.01 12.60
CA ILE A 181 23.62 -23.43 12.88
C ILE A 181 22.39 -23.84 12.08
N CYS A 182 22.45 -24.99 11.42
CA CYS A 182 21.32 -25.45 10.61
C CYS A 182 20.53 -26.55 11.30
N ALA A 183 19.27 -26.67 10.89
CA ALA A 183 18.36 -27.67 11.43
C ALA A 183 17.22 -27.85 10.43
N GLY A 184 16.61 -29.03 10.42
CA GLY A 184 15.52 -29.26 9.51
C GLY A 184 15.82 -30.16 8.33
N ALA A 185 15.28 -29.80 7.17
CA ALA A 185 15.44 -30.59 5.94
C ALA A 185 14.86 -31.97 6.23
N SER A 186 13.96 -32.02 7.20
CA SER A 186 13.36 -33.26 7.67
C SER A 186 11.85 -33.39 7.51
N GLY A 187 11.26 -32.60 6.63
CA GLY A 187 9.81 -32.69 6.46
C GLY A 187 9.08 -31.51 7.04
N VAL A 188 9.81 -30.62 7.71
CA VAL A 188 9.24 -29.41 8.28
C VAL A 188 10.15 -28.26 7.90
N SER A 189 9.67 -27.03 8.06
CA SER A 189 10.47 -25.85 7.74
C SER A 189 9.93 -24.59 8.38
N SER A 190 10.82 -23.77 8.90
CA SER A 190 10.41 -22.49 9.47
C SER A 190 10.02 -21.70 8.22
N CYS A 191 9.27 -20.62 8.39
CA CYS A 191 8.84 -19.87 7.21
C CYS A 191 8.55 -18.41 7.56
N MET A 192 8.16 -17.63 6.55
N MET A 192 8.12 -17.65 6.55
CA MET A 192 7.85 -16.21 6.74
CA MET A 192 7.78 -16.24 6.71
C MET A 192 7.00 -15.96 7.98
C MET A 192 6.98 -15.95 7.98
N GLY A 193 7.55 -15.16 8.89
CA GLY A 193 6.86 -14.85 10.12
C GLY A 193 7.46 -15.55 11.32
N ASP A 194 8.30 -16.55 11.08
CA ASP A 194 8.94 -17.30 12.16
C ASP A 194 10.25 -16.68 12.64
N SER A 195 10.87 -15.86 11.79
CA SER A 195 12.15 -15.22 12.12
C SER A 195 12.17 -14.60 13.52
N GLY A 196 13.32 -14.75 14.18
CA GLY A 196 13.47 -14.19 15.51
C GLY A 196 13.02 -15.13 16.60
N GLY A 197 12.22 -16.12 16.20
CA GLY A 197 11.71 -17.11 17.15
C GLY A 197 12.78 -18.07 17.62
N PRO A 198 12.43 -18.95 18.55
CA PRO A 198 13.37 -19.92 19.10
C PRO A 198 13.53 -21.29 18.43
N LEU A 199 14.73 -21.83 18.61
CA LEU A 199 15.07 -23.18 18.19
C LEU A 199 15.63 -23.64 19.54
N VAL A 200 14.88 -24.49 20.23
CA VAL A 200 15.32 -24.96 21.55
C VAL A 200 15.61 -26.45 21.61
N CYS A 201 16.58 -26.80 22.46
CA CYS A 201 16.97 -28.18 22.67
C CYS A 201 17.10 -28.35 24.17
N LYS A 202 16.90 -29.55 24.66
CA LYS A 202 17.00 -29.80 26.10
C LYS A 202 18.46 -29.91 26.56
N LYS A 203 18.74 -29.27 27.69
CA LYS A 203 20.06 -29.32 28.30
C LYS A 203 19.74 -29.68 29.74
N ASN A 204 20.02 -30.94 30.10
CA ASN A 204 19.73 -31.42 31.44
C ASN A 204 18.23 -31.29 31.71
N GLY A 205 17.44 -31.54 30.66
CA GLY A 205 15.99 -31.47 30.77
C GLY A 205 15.35 -30.10 30.60
N ALA A 206 16.15 -29.04 30.63
CA ALA A 206 15.60 -27.69 30.49
C ALA A 206 15.77 -27.17 29.06
N TRP A 207 14.68 -26.63 28.50
CA TRP A 207 14.72 -26.09 27.14
C TRP A 207 15.68 -24.91 27.09
N THR A 208 16.68 -25.01 26.22
CA THR A 208 17.69 -23.99 26.09
C THR A 208 17.72 -23.45 24.66
N LEU A 209 17.91 -22.14 24.53
CA LEU A 209 17.93 -21.50 23.22
C LEU A 209 19.23 -21.82 22.48
N VAL A 210 19.12 -22.64 21.44
CA VAL A 210 20.28 -23.03 20.64
C VAL A 210 20.36 -22.23 19.35
N GLY A 211 19.20 -21.82 18.84
CA GLY A 211 19.18 -21.03 17.62
C GLY A 211 18.05 -20.04 17.57
N ILE A 212 18.18 -19.07 16.67
CA ILE A 212 17.16 -18.04 16.47
C ILE A 212 16.82 -18.14 14.99
N VAL A 213 15.53 -18.36 14.67
CA VAL A 213 15.12 -18.49 13.27
C VAL A 213 15.70 -17.33 12.46
N SER A 214 16.41 -17.67 11.38
CA SER A 214 17.07 -16.66 10.57
C SER A 214 16.71 -16.64 9.08
N TRP A 215 17.17 -17.65 8.34
CA TRP A 215 16.90 -17.69 6.90
C TRP A 215 16.99 -19.10 6.33
N GLY A 216 16.61 -19.24 5.07
CA GLY A 216 16.68 -20.55 4.44
C GLY A 216 16.05 -20.54 3.06
N SER A 217 15.42 -21.66 2.72
CA SER A 217 14.75 -21.82 1.43
C SER A 217 13.78 -20.65 1.21
N SER A 218 13.84 -20.05 0.01
CA SER A 218 12.95 -18.93 -0.29
C SER A 218 11.51 -19.38 -0.51
N THR A 219 11.27 -20.69 -0.48
CA THR A 219 9.92 -21.23 -0.63
C THR A 219 9.60 -22.13 0.56
N CYS A 220 10.41 -22.03 1.60
CA CYS A 220 10.21 -22.81 2.80
C CYS A 220 10.12 -24.31 2.52
N SER A 221 11.01 -24.80 1.66
CA SER A 221 11.04 -26.22 1.32
C SER A 221 11.40 -27.07 2.54
N THR A 222 10.63 -28.13 2.77
CA THR A 222 10.87 -29.00 3.92
C THR A 222 12.02 -29.99 3.73
N SER A 223 12.65 -29.97 2.57
CA SER A 223 13.78 -30.88 2.31
C SER A 223 15.09 -30.11 2.25
N THR A 224 15.03 -28.83 2.61
CA THR A 224 16.20 -27.96 2.60
C THR A 224 16.52 -27.55 4.04
N PRO A 225 17.82 -27.46 4.38
CA PRO A 225 18.22 -27.08 5.74
C PRO A 225 17.79 -25.65 6.08
N GLY A 226 17.22 -25.47 7.27
CA GLY A 226 16.85 -24.14 7.71
C GLY A 226 18.06 -23.58 8.43
N VAL A 227 18.26 -22.28 8.41
CA VAL A 227 19.42 -21.69 9.05
C VAL A 227 19.00 -20.81 10.21
N TYR A 228 19.68 -20.97 11.33
CA TYR A 228 19.41 -20.23 12.55
C TYR A 228 20.67 -19.57 13.09
N ALA A 229 20.51 -18.48 13.83
CA ALA A 229 21.66 -17.82 14.41
C ALA A 229 22.11 -18.77 15.53
N ARG A 230 23.39 -19.09 15.56
CA ARG A 230 23.96 -20.00 16.56
C ARG A 230 24.16 -19.25 17.88
N VAL A 231 23.27 -19.49 18.83
CA VAL A 231 23.32 -18.81 20.11
C VAL A 231 24.61 -19.00 20.91
N THR A 232 25.21 -20.18 20.85
CA THR A 232 26.45 -20.42 21.60
C THR A 232 27.55 -19.46 21.14
N ALA A 233 27.51 -19.06 19.87
CA ALA A 233 28.52 -18.16 19.33
C ALA A 233 28.19 -16.69 19.61
N LEU A 234 27.00 -16.44 20.13
CA LEU A 234 26.56 -15.08 20.38
C LEU A 234 26.17 -14.80 21.83
N VAL A 235 26.15 -15.84 22.66
CA VAL A 235 25.73 -15.68 24.05
C VAL A 235 26.64 -14.80 24.91
N ASN A 236 27.94 -14.77 24.62
CA ASN A 236 28.82 -13.93 25.41
C ASN A 236 28.44 -12.47 25.15
N TRP A 237 28.09 -12.17 23.90
CA TRP A 237 27.67 -10.81 23.54
C TRP A 237 26.38 -10.50 24.31
N VAL A 238 25.51 -11.50 24.43
CA VAL A 238 24.25 -11.34 25.13
C VAL A 238 24.50 -10.99 26.60
N GLN A 239 25.29 -11.82 27.28
CA GLN A 239 25.59 -11.60 28.69
C GLN A 239 26.24 -10.23 28.92
N GLN A 240 27.16 -9.86 28.04
CA GLN A 240 27.85 -8.58 28.15
C GLN A 240 26.88 -7.42 28.01
N THR A 241 25.93 -7.56 27.10
CA THR A 241 24.94 -6.51 26.87
C THR A 241 24.03 -6.34 28.08
N LEU A 242 23.62 -7.45 28.69
CA LEU A 242 22.76 -7.41 29.86
C LEU A 242 23.49 -6.77 31.04
N ALA A 243 24.73 -7.19 31.24
CA ALA A 243 25.55 -6.69 32.34
C ALA A 243 25.80 -5.19 32.28
N ALA A 244 25.87 -4.65 31.06
CA ALA A 244 26.12 -3.22 30.87
C ALA A 244 24.84 -2.40 30.79
N ASN A 245 23.69 -3.07 30.87
CA ASN A 245 22.41 -2.38 30.77
C ASN A 245 21.39 -2.90 31.76
N ARG B 1 12.68 6.90 -15.20
CA ARG B 1 12.79 6.31 -13.83
C ARG B 1 13.77 5.13 -13.86
N PRO B 2 14.35 4.80 -12.70
CA PRO B 2 15.30 3.68 -12.62
C PRO B 2 14.67 2.37 -13.07
N ASP B 3 15.46 1.52 -13.72
CA ASP B 3 14.95 0.23 -14.17
C ASP B 3 14.59 -0.70 -13.01
N PHE B 4 15.17 -0.48 -11.83
CA PHE B 4 14.85 -1.35 -10.69
C PHE B 4 13.38 -1.24 -10.33
N CYS B 5 12.74 -0.17 -10.76
CA CYS B 5 11.33 0.06 -10.50
C CYS B 5 10.44 -0.93 -11.25
N LEU B 6 11.00 -1.55 -12.28
CA LEU B 6 10.26 -2.50 -13.10
C LEU B 6 10.43 -3.95 -12.66
N GLU B 7 11.23 -4.16 -11.61
CA GLU B 7 11.46 -5.51 -11.11
C GLU B 7 10.36 -5.94 -10.14
N PRO B 8 9.96 -7.22 -10.20
CA PRO B 8 8.91 -7.68 -9.28
C PRO B 8 9.45 -7.62 -7.85
N PRO B 9 8.56 -7.56 -6.86
CA PRO B 9 8.99 -7.50 -5.46
C PRO B 9 9.81 -8.74 -5.08
N TYR B 10 10.79 -8.54 -4.21
CA TYR B 10 11.68 -9.61 -3.79
C TYR B 10 11.61 -9.79 -2.28
N THR B 11 11.07 -10.93 -1.84
CA THR B 11 10.94 -11.22 -0.43
C THR B 11 12.30 -11.55 0.20
N GLY B 12 13.11 -12.32 -0.51
CA GLY B 12 14.41 -12.66 0.03
C GLY B 12 14.38 -13.95 0.83
N PRO B 13 15.56 -14.43 1.27
CA PRO B 13 15.70 -15.67 2.04
C PRO B 13 15.41 -15.61 3.54
N CYS B 14 15.41 -14.42 4.13
CA CYS B 14 15.12 -14.33 5.57
C CYS B 14 13.65 -14.57 5.83
N TRP B 15 13.34 -15.05 7.03
CA TRP B 15 11.97 -15.40 7.37
C TRP B 15 11.12 -14.46 8.21
N ALA B 16 11.32 -13.16 8.04
CA ALA B 16 10.50 -12.20 8.77
C ALA B 16 9.26 -11.94 7.90
N ARG B 17 8.33 -11.14 8.41
CA ARG B 17 7.11 -10.82 7.69
C ARG B 17 6.95 -9.31 7.83
N ILE B 18 7.79 -8.59 7.08
CA ILE B 18 7.82 -7.13 7.13
C ILE B 18 7.12 -6.48 5.95
N ILE B 19 6.19 -5.58 6.24
CA ILE B 19 5.47 -4.91 5.17
C ILE B 19 6.32 -3.82 4.52
N ARG B 20 6.46 -3.92 3.19
CA ARG B 20 7.21 -2.94 2.43
C ARG B 20 6.40 -2.60 1.19
N TYR B 21 6.85 -1.58 0.45
CA TYR B 21 6.16 -1.16 -0.76
C TYR B 21 7.04 -1.34 -1.98
N PHE B 22 6.42 -1.67 -3.10
CA PHE B 22 7.14 -1.80 -4.35
C PHE B 22 6.30 -1.15 -5.43
N TYR B 23 6.95 -0.64 -6.47
CA TYR B 23 6.22 -0.02 -7.56
C TYR B 23 5.79 -1.10 -8.55
N ASN B 24 4.51 -1.08 -8.91
CA ASN B 24 3.95 -2.03 -9.86
C ASN B 24 3.68 -1.26 -11.15
N ALA B 25 4.59 -1.36 -12.11
CA ALA B 25 4.46 -0.66 -13.37
C ALA B 25 3.17 -1.00 -14.13
N LYS B 26 2.66 -2.21 -13.93
CA LYS B 26 1.44 -2.64 -14.61
C LYS B 26 0.23 -1.81 -14.18
N ALA B 27 0.22 -1.41 -12.91
CA ALA B 27 -0.89 -0.63 -12.37
C ALA B 27 -0.57 0.85 -12.23
N GLY B 28 0.71 1.19 -12.18
CA GLY B 28 1.09 2.58 -12.04
C GLY B 28 1.08 3.09 -10.62
N LEU B 29 0.99 2.17 -9.65
N LEU B 29 1.03 2.18 -9.64
CA LEU B 29 0.95 2.53 -8.23
CA LEU B 29 1.05 2.61 -8.26
C LEU B 29 1.90 1.66 -7.41
C LEU B 29 1.95 1.71 -7.43
N CYS B 30 2.18 2.10 -6.19
CA CYS B 30 3.03 1.33 -5.30
C CYS B 30 2.08 0.44 -4.51
N GLN B 31 2.46 -0.82 -4.37
N GLN B 31 2.49 -0.81 -4.35
CA GLN B 31 1.65 -1.80 -3.64
CA GLN B 31 1.71 -1.83 -3.66
C GLN B 31 2.47 -2.37 -2.49
C GLN B 31 2.49 -2.40 -2.49
N THR B 32 1.80 -3.02 -1.55
CA THR B 32 2.48 -3.61 -0.41
C THR B 32 2.87 -5.05 -0.75
N PHE B 33 3.90 -5.55 -0.07
CA PHE B 33 4.32 -6.93 -0.23
C PHE B 33 5.07 -7.31 1.04
N VAL B 34 5.29 -8.60 1.24
CA VAL B 34 6.00 -9.05 2.42
C VAL B 34 7.48 -9.23 2.12
N TYR B 35 8.30 -8.55 2.92
CA TYR B 35 9.75 -8.62 2.78
C TYR B 35 10.28 -9.49 3.91
N GLY B 36 11.22 -10.38 3.59
CA GLY B 36 11.77 -11.29 4.58
C GLY B 36 12.73 -10.69 5.59
N GLY B 37 13.21 -9.48 5.34
CA GLY B 37 14.11 -8.85 6.30
C GLY B 37 15.56 -8.69 5.88
N CYS B 38 15.98 -9.39 4.82
CA CYS B 38 17.35 -9.25 4.38
C CYS B 38 17.51 -9.32 2.87
N ARG B 39 18.59 -8.70 2.38
CA ARG B 39 18.93 -8.69 0.96
C ARG B 39 17.89 -8.00 0.07
N ALA B 40 17.31 -6.92 0.57
CA ALA B 40 16.30 -6.18 -0.19
C ALA B 40 16.84 -5.67 -1.52
N LYS B 41 16.00 -5.75 -2.56
CA LYS B 41 16.36 -5.20 -3.86
C LYS B 41 15.97 -3.73 -3.75
N ARG B 42 16.22 -2.94 -4.77
CA ARG B 42 15.91 -1.52 -4.68
C ARG B 42 14.44 -1.12 -4.76
N ASN B 43 13.62 -1.94 -5.40
CA ASN B 43 12.17 -1.65 -5.49
C ASN B 43 11.56 -2.19 -4.20
N ASN B 44 11.95 -1.57 -3.09
CA ASN B 44 11.52 -1.98 -1.76
C ASN B 44 11.62 -0.70 -0.93
N PHE B 45 10.46 -0.19 -0.50
CA PHE B 45 10.41 1.06 0.27
C PHE B 45 9.64 0.91 1.57
N LYS B 46 10.00 1.74 2.54
CA LYS B 46 9.35 1.71 3.83
C LYS B 46 8.02 2.47 3.85
N SER B 47 7.79 3.28 2.82
CA SER B 47 6.53 4.02 2.74
C SER B 47 6.09 4.15 1.29
N ALA B 48 4.78 4.27 1.09
CA ALA B 48 4.24 4.41 -0.26
C ALA B 48 4.78 5.72 -0.85
N GLU B 49 4.93 6.74 -0.01
CA GLU B 49 5.42 8.03 -0.48
C GLU B 49 6.83 7.91 -1.07
N ASP B 50 7.74 7.26 -0.35
CA ASP B 50 9.10 7.09 -0.83
C ASP B 50 9.09 6.35 -2.17
N CYS B 51 8.26 5.32 -2.24
CA CYS B 51 8.14 4.52 -3.44
C CYS B 51 7.65 5.35 -4.63
N LEU B 52 6.59 6.13 -4.42
CA LEU B 52 6.06 6.96 -5.50
C LEU B 52 7.02 8.06 -5.94
N ARG B 53 7.78 8.61 -4.99
CA ARG B 53 8.74 9.66 -5.30
C ARG B 53 9.94 9.13 -6.08
N THR B 54 10.18 7.83 -5.95
CA THR B 54 11.32 7.21 -6.62
C THR B 54 10.98 6.47 -7.90
N CYS B 55 9.79 5.88 -7.93
CA CYS B 55 9.39 5.09 -9.07
C CYS B 55 8.13 5.52 -9.82
N GLY B 56 7.42 6.50 -9.28
CA GLY B 56 6.21 6.95 -9.93
C GLY B 56 6.36 7.21 -11.41
N GLY B 57 5.45 6.65 -12.21
CA GLY B 57 5.50 6.86 -13.65
C GLY B 57 6.41 5.93 -14.43
N ALA B 58 7.13 5.06 -13.74
CA ALA B 58 8.01 4.14 -14.45
C ALA B 58 7.17 3.14 -15.26
N CYS C 1 -9.78 33.68 -23.93
CA CYS C 1 -10.11 32.28 -23.54
C CYS C 1 -10.62 31.46 -24.72
N GLY C 2 -10.57 30.14 -24.56
CA GLY C 2 -11.08 29.22 -25.56
C GLY C 2 -10.45 29.11 -26.93
N VAL C 3 -9.32 29.76 -27.16
CA VAL C 3 -8.67 29.68 -28.47
C VAL C 3 -7.22 29.24 -28.34
N PRO C 4 -6.98 27.92 -28.45
CA PRO C 4 -5.62 27.38 -28.34
C PRO C 4 -4.67 27.98 -29.38
N ALA C 5 -3.44 28.28 -28.97
CA ALA C 5 -2.44 28.81 -29.88
C ALA C 5 -2.10 27.68 -30.85
N ILE C 6 -2.10 26.46 -30.33
CA ILE C 6 -1.84 25.27 -31.13
C ILE C 6 -3.22 24.66 -31.37
N GLN C 7 -3.74 24.81 -32.58
CA GLN C 7 -5.05 24.29 -32.90
C GLN C 7 -5.17 22.78 -32.76
N PRO C 8 -6.22 22.32 -32.06
CA PRO C 8 -6.40 20.87 -31.90
C PRO C 8 -6.84 20.24 -33.20
N VAL C 9 -6.47 18.97 -33.40
CA VAL C 9 -6.84 18.24 -34.59
C VAL C 9 -7.75 17.09 -34.16
N LEU C 10 -9.01 17.16 -34.58
CA LEU C 10 -10.00 16.14 -34.22
C LEU C 10 -10.20 15.12 -35.34
N SER C 11 -11.17 14.23 -35.14
CA SER C 11 -11.49 13.21 -36.13
C SER C 11 -12.98 13.25 -36.47
N ILE C 16 -9.45 8.11 -21.07
CA ILE C 16 -10.42 8.05 -22.21
C ILE C 16 -10.25 6.77 -23.03
N VAL C 17 -11.32 6.00 -23.13
CA VAL C 17 -11.30 4.76 -23.90
C VAL C 17 -11.69 5.01 -25.35
N ASN C 18 -10.90 4.46 -26.26
N ASN C 18 -10.88 4.47 -26.25
CA ASN C 18 -11.15 4.59 -27.70
CA ASN C 18 -11.08 4.57 -27.70
C ASN C 18 -11.08 6.03 -28.22
C ASN C 18 -11.04 6.01 -28.23
N GLY C 19 -10.28 6.86 -27.57
CA GLY C 19 -10.14 8.23 -28.02
C GLY C 19 -8.88 8.24 -28.86
N GLU C 20 -8.21 9.38 -28.94
N GLU C 20 -8.22 9.39 -28.96
CA GLU C 20 -6.98 9.49 -29.71
CA GLU C 20 -6.97 9.48 -29.73
C GLU C 20 -5.98 10.41 -29.02
C GLU C 20 -5.99 10.42 -29.04
N GLU C 21 -4.71 10.28 -29.38
CA GLU C 21 -3.68 11.11 -28.78
C GLU C 21 -3.86 12.54 -29.28
N ALA C 22 -3.86 13.50 -28.36
CA ALA C 22 -4.03 14.89 -28.73
C ALA C 22 -2.75 15.51 -29.29
N VAL C 23 -2.90 16.59 -30.04
CA VAL C 23 -1.74 17.30 -30.56
C VAL C 23 -1.14 17.95 -29.32
N PRO C 24 0.18 17.83 -29.12
CA PRO C 24 0.83 18.42 -27.95
C PRO C 24 0.51 19.89 -27.75
N GLY C 25 0.00 20.22 -26.56
CA GLY C 25 -0.33 21.60 -26.23
C GLY C 25 -1.60 22.18 -26.82
N SER C 26 -2.38 21.36 -27.52
CA SER C 26 -3.61 21.85 -28.15
C SER C 26 -4.82 22.03 -27.22
N TRP C 27 -4.69 21.63 -25.97
CA TRP C 27 -5.76 21.79 -24.98
C TRP C 27 -5.05 22.46 -23.81
N PRO C 28 -4.59 23.71 -24.01
CA PRO C 28 -3.86 24.52 -23.02
C PRO C 28 -4.45 24.74 -21.64
N TRP C 29 -5.74 24.52 -21.48
CA TRP C 29 -6.38 24.71 -20.17
C TRP C 29 -6.38 23.42 -19.37
N GLN C 30 -6.10 22.30 -20.02
CA GLN C 30 -6.08 21.00 -19.34
C GLN C 30 -4.91 20.95 -18.36
N VAL C 31 -5.22 20.68 -17.10
CA VAL C 31 -4.18 20.54 -16.10
C VAL C 31 -4.29 19.16 -15.48
N SER C 32 -3.21 18.77 -14.82
CA SER C 32 -3.14 17.48 -14.14
C SER C 32 -3.07 17.80 -12.65
N LEU C 33 -3.95 17.19 -11.86
CA LEU C 33 -3.92 17.39 -10.43
C LEU C 33 -3.12 16.21 -9.88
N GLN C 34 -2.04 16.53 -9.16
CA GLN C 34 -1.16 15.50 -8.62
C GLN C 34 -0.88 15.68 -7.14
N ASP C 35 -0.50 14.59 -6.46
CA ASP C 35 -0.16 14.71 -5.05
C ASP C 35 1.29 15.15 -4.98
N LYS C 36 1.80 15.32 -3.78
CA LYS C 36 3.17 15.79 -3.58
C LYS C 36 4.27 14.95 -4.23
N THR C 37 3.95 13.72 -4.65
CA THR C 37 4.94 12.86 -5.27
C THR C 37 4.87 12.91 -6.79
N GLY C 38 3.83 13.55 -7.31
CA GLY C 38 3.66 13.64 -8.75
C GLY C 38 2.63 12.65 -9.28
N PHE C 39 1.89 12.02 -8.39
CA PHE C 39 0.88 11.05 -8.79
C PHE C 39 -0.40 11.72 -9.28
N HIS C 40 -0.71 11.50 -10.55
CA HIS C 40 -1.91 12.07 -11.18
C HIS C 40 -3.18 11.39 -10.67
N PHE C 41 -4.10 12.16 -10.11
CA PHE C 41 -5.36 11.56 -9.62
C PHE C 41 -6.61 12.15 -10.25
N CYS C 42 -6.46 13.29 -10.92
CA CYS C 42 -7.61 13.94 -11.56
C CYS C 42 -7.15 15.00 -12.55
N GLY C 43 -8.09 15.47 -13.35
CA GLY C 43 -7.80 16.51 -14.32
C GLY C 43 -8.47 17.78 -13.82
N GLY C 44 -8.25 18.88 -14.54
CA GLY C 44 -8.84 20.15 -14.16
C GLY C 44 -8.71 21.08 -15.35
N SER C 45 -9.33 22.26 -15.26
CA SER C 45 -9.27 23.23 -16.36
C SER C 45 -9.00 24.63 -15.82
N LEU C 46 -8.02 25.31 -16.41
CA LEU C 46 -7.70 26.67 -16.01
C LEU C 46 -8.81 27.59 -16.53
N ILE C 47 -9.34 28.45 -15.68
CA ILE C 47 -10.38 29.38 -16.13
C ILE C 47 -9.82 30.81 -16.19
N ASN C 48 -8.66 30.98 -15.58
CA ASN C 48 -7.90 32.24 -15.59
C ASN C 48 -6.55 31.91 -14.97
N GLU C 49 -5.67 32.90 -14.85
CA GLU C 49 -4.33 32.64 -14.32
C GLU C 49 -4.25 32.19 -12.87
N ASN C 50 -5.30 32.42 -12.08
CA ASN C 50 -5.27 32.07 -10.67
C ASN C 50 -6.29 31.01 -10.24
N TRP C 51 -7.10 30.53 -11.16
CA TRP C 51 -8.12 29.56 -10.80
C TRP C 51 -8.28 28.35 -11.73
N VAL C 52 -8.52 27.19 -11.10
CA VAL C 52 -8.73 25.95 -11.81
C VAL C 52 -10.06 25.36 -11.35
N VAL C 53 -10.86 24.87 -12.29
CA VAL C 53 -12.13 24.25 -11.93
C VAL C 53 -11.97 22.74 -12.12
N THR C 54 -12.45 21.97 -11.16
CA THR C 54 -12.34 20.52 -11.22
C THR C 54 -13.58 19.91 -10.56
N ALA C 55 -13.57 18.60 -10.32
CA ALA C 55 -14.71 17.94 -9.70
C ALA C 55 -14.55 17.89 -8.19
N ALA C 56 -15.68 17.95 -7.49
CA ALA C 56 -15.64 17.91 -6.03
C ALA C 56 -15.20 16.54 -5.52
N HIS C 57 -15.57 15.47 -6.22
CA HIS C 57 -15.20 14.13 -5.75
C HIS C 57 -13.70 13.83 -5.84
N CYS C 58 -12.95 14.70 -6.53
CA CYS C 58 -11.50 14.49 -6.64
C CYS C 58 -10.82 14.71 -5.28
N GLY C 59 -11.52 15.37 -4.37
CA GLY C 59 -11.00 15.62 -3.04
C GLY C 59 -9.67 16.34 -2.94
N VAL C 60 -9.47 17.33 -3.80
CA VAL C 60 -8.22 18.08 -3.79
C VAL C 60 -7.98 18.82 -2.47
N THR C 61 -6.73 18.88 -2.05
CA THR C 61 -6.35 19.59 -0.83
C THR C 61 -5.21 20.53 -1.16
N THR C 62 -4.84 21.39 -0.22
CA THR C 62 -3.74 22.33 -0.45
C THR C 62 -2.38 21.65 -0.51
N SER C 63 -2.35 20.33 -0.29
CA SER C 63 -1.10 19.59 -0.35
C SER C 63 -0.87 19.09 -1.78
N ASP C 64 -1.92 19.11 -2.59
CA ASP C 64 -1.82 18.67 -3.97
C ASP C 64 -1.34 19.82 -4.84
N VAL C 65 -0.96 19.52 -6.07
CA VAL C 65 -0.46 20.54 -6.98
C VAL C 65 -1.12 20.50 -8.35
N VAL C 66 -1.13 21.65 -9.00
CA VAL C 66 -1.70 21.78 -10.33
C VAL C 66 -0.56 21.80 -11.33
N VAL C 67 -0.57 20.88 -12.28
CA VAL C 67 0.48 20.84 -13.30
C VAL C 67 -0.10 21.29 -14.63
N ALA C 68 0.40 22.42 -15.11
CA ALA C 68 -0.07 22.99 -16.36
C ALA C 68 0.97 22.87 -17.47
N GLY C 69 0.48 22.90 -18.72
CA GLY C 69 1.36 22.82 -19.87
C GLY C 69 1.96 21.45 -20.11
N GLU C 70 1.32 20.43 -19.57
CA GLU C 70 1.81 19.07 -19.72
C GLU C 70 1.17 18.31 -20.88
N PHE C 71 1.95 17.43 -21.48
CA PHE C 71 1.46 16.59 -22.56
C PHE C 71 1.81 15.14 -22.25
N ASP C 72 3.11 14.88 -22.11
CA ASP C 72 3.62 13.55 -21.82
C ASP C 72 4.06 13.45 -20.37
N GLN C 73 3.26 12.78 -19.54
CA GLN C 73 3.58 12.65 -18.12
C GLN C 73 4.78 11.72 -17.90
N GLY C 74 5.19 11.04 -18.97
CA GLY C 74 6.33 10.14 -18.87
C GLY C 74 7.63 10.85 -19.18
N SER C 75 7.53 12.07 -19.70
CA SER C 75 8.71 12.87 -20.06
C SER C 75 9.15 13.77 -18.91
N SER C 76 10.36 13.55 -18.42
CA SER C 76 10.88 14.34 -17.31
C SER C 76 11.51 15.66 -17.78
N SER C 77 11.86 15.73 -19.06
CA SER C 77 12.47 16.93 -19.61
C SER C 77 11.45 17.93 -20.15
N GLU C 78 10.20 17.47 -20.30
CA GLU C 78 9.13 18.34 -20.80
C GLU C 78 8.96 19.54 -19.89
N LYS C 79 8.81 20.72 -20.50
CA LYS C 79 8.63 21.95 -19.72
C LYS C 79 7.19 22.08 -19.26
N ILE C 80 7.01 22.21 -17.94
CA ILE C 80 5.68 22.33 -17.37
C ILE C 80 5.70 23.34 -16.22
N GLN C 81 4.50 23.66 -15.71
CA GLN C 81 4.38 24.58 -14.60
C GLN C 81 3.72 23.86 -13.44
N LYS C 82 4.47 23.68 -12.35
CA LYS C 82 3.94 23.03 -11.16
C LYS C 82 3.49 24.16 -10.25
N LEU C 83 2.17 24.29 -10.09
CA LEU C 83 1.59 25.36 -9.30
C LEU C 83 0.98 24.91 -8.00
N LYS C 84 1.36 25.58 -6.91
CA LYS C 84 0.83 25.25 -5.59
C LYS C 84 -0.58 25.79 -5.44
N ILE C 85 -1.36 25.13 -4.60
CA ILE C 85 -2.75 25.50 -4.34
C ILE C 85 -2.87 26.26 -3.03
N ALA C 86 -3.36 27.49 -3.09
CA ALA C 86 -3.53 28.32 -1.91
C ALA C 86 -4.78 27.95 -1.11
N LYS C 87 -5.88 27.73 -1.81
CA LYS C 87 -7.12 27.39 -1.13
C LYS C 87 -8.06 26.58 -2.03
N VAL C 88 -8.82 25.69 -1.41
CA VAL C 88 -9.76 24.85 -2.14
C VAL C 88 -11.19 25.26 -1.79
N PHE C 89 -12.01 25.49 -2.82
CA PHE C 89 -13.39 25.87 -2.63
C PHE C 89 -14.34 24.82 -3.18
N LYS C 90 -14.75 23.89 -2.31
N LYS C 90 -14.74 23.88 -2.32
CA LYS C 90 -15.68 22.84 -2.69
CA LYS C 90 -15.67 22.84 -2.72
C LYS C 90 -17.09 23.38 -2.61
C LYS C 90 -17.08 23.40 -2.62
N ASN C 91 -17.89 23.18 -3.66
CA ASN C 91 -19.26 23.68 -3.65
C ASN C 91 -19.96 23.04 -2.46
N SER C 92 -20.48 23.86 -1.56
CA SER C 92 -21.14 23.36 -0.37
C SER C 92 -22.37 22.52 -0.69
N LYS C 93 -22.89 22.65 -1.91
CA LYS C 93 -24.06 21.89 -2.32
C LYS C 93 -23.71 20.53 -2.92
N TYR C 94 -22.43 20.21 -3.00
CA TYR C 94 -22.02 18.92 -3.53
C TYR C 94 -22.69 17.85 -2.68
N ASN C 95 -23.38 16.93 -3.34
CA ASN C 95 -24.08 15.84 -2.64
C ASN C 95 -23.21 14.58 -2.79
N SER C 96 -22.59 14.16 -1.69
CA SER C 96 -21.71 12.99 -1.72
C SER C 96 -22.43 11.67 -1.93
N LEU C 97 -23.76 11.70 -1.95
CA LEU C 97 -24.53 10.49 -2.16
C LEU C 97 -25.03 10.39 -3.61
N THR C 98 -25.56 11.48 -4.13
CA THR C 98 -26.07 11.48 -5.51
C THR C 98 -25.03 11.98 -6.51
N ILE C 99 -23.98 12.62 -6.00
N ILE C 99 -23.98 12.60 -6.00
CA ILE C 99 -22.89 13.15 -6.80
CA ILE C 99 -22.88 13.14 -6.83
C ILE C 99 -23.30 14.42 -7.56
C ILE C 99 -23.30 14.42 -7.56
N ASN C 100 -24.42 15.01 -7.16
CA ASN C 100 -24.89 16.23 -7.82
C ASN C 100 -24.07 17.44 -7.36
N ASN C 101 -23.96 18.44 -8.23
CA ASN C 101 -23.19 19.66 -7.94
C ASN C 101 -21.73 19.30 -7.70
N ASP C 102 -21.20 18.44 -8.56
CA ASP C 102 -19.83 17.93 -8.47
C ASP C 102 -18.80 18.91 -9.02
N ILE C 103 -18.57 19.99 -8.27
CA ILE C 103 -17.62 21.00 -8.73
C ILE C 103 -16.84 21.62 -7.57
N THR C 104 -15.57 21.88 -7.85
CA THR C 104 -14.66 22.49 -6.88
C THR C 104 -13.73 23.46 -7.59
N LEU C 105 -13.46 24.59 -6.93
CA LEU C 105 -12.57 25.60 -7.49
C LEU C 105 -11.26 25.60 -6.71
N LEU C 106 -10.16 25.75 -7.43
CA LEU C 106 -8.84 25.78 -6.80
C LEU C 106 -8.20 27.13 -7.03
N LYS C 107 -7.84 27.82 -5.95
CA LYS C 107 -7.18 29.11 -6.07
C LYS C 107 -5.69 28.85 -5.93
N LEU C 108 -4.94 29.19 -6.97
CA LEU C 108 -3.49 28.96 -6.98
C LEU C 108 -2.73 29.95 -6.11
N SER C 109 -1.65 29.47 -5.49
N SER C 109 -1.66 29.47 -5.50
CA SER C 109 -0.83 30.31 -4.63
CA SER C 109 -0.81 30.29 -4.63
C SER C 109 -0.02 31.27 -5.51
C SER C 109 -0.02 31.26 -5.50
N THR C 110 0.41 30.79 -6.67
CA THR C 110 1.17 31.59 -7.61
C THR C 110 0.45 31.49 -8.95
N ALA C 111 0.30 32.61 -9.62
CA ALA C 111 -0.39 32.64 -10.91
C ALA C 111 0.30 31.79 -11.96
N ALA C 112 -0.50 31.21 -12.84
CA ALA C 112 0.03 30.42 -13.94
C ALA C 112 0.51 31.42 -14.97
N SER C 113 1.58 31.08 -15.69
CA SER C 113 2.13 31.96 -16.71
C SER C 113 1.57 31.54 -18.07
N PHE C 114 0.60 32.30 -18.56
CA PHE C 114 -0.02 31.98 -19.84
C PHE C 114 0.94 32.05 -21.00
N SER C 115 0.85 31.05 -21.88
CA SER C 115 1.72 30.95 -23.04
C SER C 115 1.08 30.07 -24.09
N GLN C 116 1.87 29.70 -25.09
CA GLN C 116 1.40 28.85 -26.18
C GLN C 116 0.72 27.57 -25.68
N THR C 117 1.27 26.96 -24.63
CA THR C 117 0.72 25.71 -24.11
C THR C 117 -0.07 25.84 -22.80
N VAL C 118 -0.21 27.07 -22.30
CA VAL C 118 -0.93 27.28 -21.05
C VAL C 118 -1.85 28.49 -21.15
N SER C 119 -3.15 28.24 -21.16
CA SER C 119 -4.14 29.31 -21.24
C SER C 119 -5.49 28.83 -20.71
N ALA C 120 -6.46 29.74 -20.64
CA ALA C 120 -7.78 29.42 -20.09
C ALA C 120 -8.86 28.99 -21.06
N VAL C 121 -9.84 28.27 -20.53
CA VAL C 121 -10.98 27.82 -21.32
C VAL C 121 -12.07 28.85 -21.00
N CYS C 122 -13.04 29.02 -21.89
CA CYS C 122 -14.09 29.99 -21.61
C CYS C 122 -15.17 29.36 -20.75
N LEU C 123 -15.90 30.20 -20.02
CA LEU C 123 -16.99 29.75 -19.18
C LEU C 123 -18.30 30.18 -19.82
N PRO C 124 -19.34 29.34 -19.75
CA PRO C 124 -20.62 29.70 -20.35
C PRO C 124 -21.45 30.58 -19.43
N SER C 125 -22.60 31.02 -19.94
CA SER C 125 -23.52 31.83 -19.16
C SER C 125 -24.51 30.80 -18.64
N ALA C 126 -25.09 31.06 -17.47
CA ALA C 126 -26.05 30.13 -16.88
C ALA C 126 -27.21 29.83 -17.81
N SER C 127 -27.52 30.76 -18.72
CA SER C 127 -28.64 30.57 -19.64
C SER C 127 -28.27 29.95 -20.99
N ASP C 128 -26.97 29.76 -21.23
CA ASP C 128 -26.55 29.17 -22.50
C ASP C 128 -27.18 27.80 -22.72
N ASP C 129 -27.48 27.49 -23.97
CA ASP C 129 -28.08 26.21 -24.31
C ASP C 129 -27.23 25.46 -25.32
N PHE C 130 -26.78 24.28 -24.91
CA PHE C 130 -25.97 23.43 -25.79
C PHE C 130 -26.86 22.24 -26.12
N ALA C 131 -27.46 22.30 -27.31
CA ALA C 131 -28.38 21.28 -27.79
C ALA C 131 -27.84 19.85 -27.78
N ALA C 132 -28.75 18.90 -27.58
CA ALA C 132 -28.39 17.49 -27.57
C ALA C 132 -27.94 17.14 -28.98
N GLY C 133 -26.96 16.25 -29.08
CA GLY C 133 -26.46 15.86 -30.38
C GLY C 133 -25.26 16.70 -30.79
N THR C 134 -25.05 17.81 -30.08
CA THR C 134 -23.91 18.68 -30.39
C THR C 134 -22.63 17.92 -30.12
N THR C 135 -21.72 17.94 -31.10
CA THR C 135 -20.45 17.25 -30.96
C THR C 135 -19.47 18.11 -30.17
N CYS C 136 -19.05 17.60 -29.02
CA CYS C 136 -18.10 18.30 -28.18
C CYS C 136 -16.87 17.42 -27.99
N VAL C 137 -15.96 17.85 -27.12
CA VAL C 137 -14.74 17.08 -26.90
C VAL C 137 -14.34 17.00 -25.42
N THR C 138 -13.81 15.85 -25.00
CA THR C 138 -13.35 15.71 -23.64
C THR C 138 -11.90 15.26 -23.73
N THR C 139 -11.09 15.63 -22.74
CA THR C 139 -9.68 15.29 -22.74
C THR C 139 -9.20 14.83 -21.37
N GLY C 140 -8.03 14.19 -21.33
CA GLY C 140 -7.51 13.73 -20.06
C GLY C 140 -6.51 12.59 -20.18
N TRP C 141 -5.94 12.22 -19.04
CA TRP C 141 -4.96 11.15 -18.96
C TRP C 141 -5.56 9.90 -18.29
N GLY C 142 -6.88 9.78 -18.35
CA GLY C 142 -7.54 8.63 -17.75
C GLY C 142 -7.22 7.37 -18.53
N LEU C 143 -7.56 6.22 -17.96
CA LEU C 143 -7.31 4.93 -18.61
C LEU C 143 -7.85 4.90 -20.03
N THR C 144 -7.12 4.21 -20.92
CA THR C 144 -7.56 4.07 -22.30
C THR C 144 -8.13 2.66 -22.46
N ARG C 145 -7.96 1.84 -21.43
CA ARG C 145 -8.46 0.47 -21.41
C ARG C 145 -8.77 0.09 -19.98
N TYR C 146 -9.98 -0.42 -19.74
CA TYR C 146 -10.37 -0.80 -18.38
C TYR C 146 -9.96 -2.23 -18.06
N ALA C 149 -3.63 -1.25 -17.26
CA ALA C 149 -4.08 -0.92 -15.87
C ALA C 149 -3.52 0.43 -15.44
N ASN C 150 -2.56 0.94 -16.22
CA ASN C 150 -1.96 2.23 -15.92
C ASN C 150 -2.41 3.27 -16.93
N THR C 151 -2.31 4.54 -16.56
CA THR C 151 -2.72 5.65 -17.43
C THR C 151 -1.80 5.88 -18.61
N PRO C 152 -2.33 6.44 -19.70
CA PRO C 152 -1.50 6.71 -20.87
C PRO C 152 -0.57 7.87 -20.51
N ASP C 153 0.66 7.85 -21.01
CA ASP C 153 1.59 8.93 -20.71
C ASP C 153 1.14 10.23 -21.37
N ARG C 154 0.67 10.11 -22.61
CA ARG C 154 0.25 11.26 -23.39
C ARG C 154 -1.22 11.61 -23.32
N LEU C 155 -1.50 12.91 -23.27
CA LEU C 155 -2.87 13.41 -23.19
C LEU C 155 -3.75 12.88 -24.32
N GLN C 156 -4.93 12.41 -23.96
CA GLN C 156 -5.87 11.87 -24.93
C GLN C 156 -7.05 12.82 -25.10
N GLN C 157 -7.80 12.63 -26.18
CA GLN C 157 -8.96 13.44 -26.48
C GLN C 157 -9.98 12.55 -27.16
N ALA C 158 -11.23 13.00 -27.17
CA ALA C 158 -12.29 12.25 -27.83
C ALA C 158 -13.47 13.14 -28.15
N SER C 159 -14.00 13.00 -29.36
CA SER C 159 -15.17 13.76 -29.77
C SER C 159 -16.35 12.89 -29.38
N LEU C 160 -17.39 13.51 -28.81
CA LEU C 160 -18.57 12.77 -28.40
C LEU C 160 -19.77 13.70 -28.38
N PRO C 161 -20.97 13.14 -28.54
CA PRO C 161 -22.18 13.96 -28.55
C PRO C 161 -22.82 14.18 -27.19
N LEU C 162 -23.41 15.36 -27.01
CA LEU C 162 -24.11 15.66 -25.77
C LEU C 162 -25.43 14.90 -25.90
N LEU C 163 -25.92 14.35 -24.80
CA LEU C 163 -27.19 13.62 -24.84
C LEU C 163 -28.28 14.39 -24.11
N SER C 164 -29.52 14.20 -24.54
CA SER C 164 -30.63 14.87 -23.88
C SER C 164 -30.85 14.15 -22.56
N ASN C 165 -31.35 14.87 -21.56
CA ASN C 165 -31.59 14.24 -20.26
C ASN C 165 -32.53 13.05 -20.43
N THR C 166 -33.50 13.17 -21.33
CA THR C 166 -34.44 12.10 -21.57
C THR C 166 -33.74 10.84 -22.08
N ASN C 167 -32.83 11.03 -23.02
N ASN C 167 -32.83 11.01 -23.03
CA ASN C 167 -32.08 9.92 -23.60
CA ASN C 167 -32.11 9.86 -23.57
C ASN C 167 -31.13 9.31 -22.57
C ASN C 167 -31.13 9.29 -22.55
N CYS C 168 -30.53 10.16 -21.74
CA CYS C 168 -29.60 9.69 -20.72
C CYS C 168 -30.33 8.85 -19.70
N LYS C 169 -31.48 9.33 -19.25
CA LYS C 169 -32.27 8.62 -18.26
C LYS C 169 -32.76 7.27 -18.74
N LYS C 170 -32.76 7.04 -20.05
CA LYS C 170 -33.19 5.76 -20.57
C LYS C 170 -32.29 4.67 -19.99
N TYR C 171 -31.10 5.06 -19.57
CA TYR C 171 -30.16 4.11 -18.98
C TYR C 171 -29.97 4.36 -17.49
N TRP C 172 -29.62 5.59 -17.12
CA TRP C 172 -29.38 5.94 -15.72
C TRP C 172 -30.59 6.29 -14.86
N GLY C 173 -31.77 6.41 -15.48
CA GLY C 173 -32.96 6.73 -14.71
C GLY C 173 -32.87 7.94 -13.80
N THR C 174 -33.37 7.79 -12.58
CA THR C 174 -33.39 8.88 -11.62
C THR C 174 -32.04 9.25 -11.00
N LYS C 175 -30.96 8.60 -11.43
CA LYS C 175 -29.65 8.93 -10.90
C LYS C 175 -29.15 10.22 -11.54
N ILE C 176 -29.78 10.64 -12.63
CA ILE C 176 -29.39 11.88 -13.31
C ILE C 176 -30.08 13.05 -12.62
N LYS C 177 -29.29 13.96 -12.06
CA LYS C 177 -29.81 15.12 -11.35
C LYS C 177 -29.70 16.41 -12.17
N ASP C 178 -30.26 17.50 -11.64
CA ASP C 178 -30.28 18.77 -12.37
C ASP C 178 -28.95 19.45 -12.69
N ALA C 179 -27.88 19.10 -11.98
CA ALA C 179 -26.59 19.71 -12.26
C ALA C 179 -25.67 18.73 -12.98
N MET C 180 -26.28 17.82 -13.72
CA MET C 180 -25.55 16.83 -14.50
C MET C 180 -25.93 16.90 -15.96
N ILE C 181 -24.98 16.62 -16.83
CA ILE C 181 -25.21 16.60 -18.26
C ILE C 181 -24.49 15.36 -18.77
N CYS C 182 -25.14 14.59 -19.63
CA CYS C 182 -24.53 13.38 -20.16
C CYS C 182 -23.98 13.57 -21.56
N ALA C 183 -23.02 12.73 -21.91
CA ALA C 183 -22.41 12.77 -23.23
C ALA C 183 -21.74 11.42 -23.48
N GLY C 184 -21.61 11.03 -24.74
CA GLY C 184 -20.98 9.76 -25.03
C GLY C 184 -21.90 8.65 -25.49
N ALA C 185 -21.62 7.43 -25.01
CA ALA C 185 -22.38 6.25 -25.38
C ALA C 185 -22.24 6.13 -26.90
N SER C 186 -21.17 6.73 -27.42
CA SER C 186 -20.91 6.80 -28.85
C SER C 186 -19.67 6.06 -29.34
N GLY C 187 -19.10 5.18 -28.52
CA GLY C 187 -17.90 4.47 -28.95
C GLY C 187 -16.66 4.91 -28.20
N VAL C 188 -16.83 5.88 -27.31
CA VAL C 188 -15.73 6.39 -26.49
C VAL C 188 -16.27 6.54 -25.07
N SER C 189 -15.36 6.71 -24.11
CA SER C 189 -15.78 6.88 -22.73
C SER C 189 -14.68 7.48 -21.87
N SER C 190 -15.06 8.39 -20.98
CA SER C 190 -14.10 8.96 -20.05
C SER C 190 -13.85 7.78 -19.12
N CYS C 191 -12.76 7.81 -18.36
CA CYS C 191 -12.46 6.70 -17.47
C CYS C 191 -11.59 7.13 -16.29
N MET C 192 -11.29 6.18 -15.41
N MET C 192 -11.24 6.16 -15.46
CA MET C 192 -10.49 6.45 -14.23
CA MET C 192 -10.42 6.38 -14.28
C MET C 192 -9.27 7.31 -14.53
C MET C 192 -9.24 7.30 -14.54
N GLY C 193 -9.23 8.48 -13.90
CA GLY C 193 -8.13 9.40 -14.11
C GLY C 193 -8.57 10.63 -14.90
N ASP C 194 -9.73 10.55 -15.54
CA ASP C 194 -10.26 11.68 -16.32
C ASP C 194 -11.09 12.66 -15.50
N SER C 195 -11.62 12.21 -14.37
CA SER C 195 -12.46 13.07 -13.51
C SER C 195 -11.88 14.46 -13.29
N GLY C 196 -12.77 15.45 -13.27
CA GLY C 196 -12.34 16.82 -13.03
C GLY C 196 -11.94 17.51 -14.31
N GLY C 197 -11.68 16.72 -15.34
CA GLY C 197 -11.28 17.25 -16.63
C GLY C 197 -12.40 17.94 -17.39
N PRO C 198 -12.07 18.53 -18.55
CA PRO C 198 -13.07 19.24 -19.35
C PRO C 198 -13.87 18.47 -20.39
N LEU C 199 -15.06 19.01 -20.63
CA LEU C 199 -15.98 18.55 -21.67
C LEU C 199 -16.24 19.92 -22.30
N VAL C 200 -15.65 20.19 -23.45
CA VAL C 200 -15.82 21.48 -24.09
C VAL C 200 -16.53 21.43 -25.43
N CYS C 201 -17.23 22.51 -25.75
CA CYS C 201 -17.95 22.64 -27.00
C CYS C 201 -17.64 24.03 -27.53
N LYS C 202 -17.68 24.21 -28.84
CA LYS C 202 -17.40 25.53 -29.40
C LYS C 202 -18.59 26.47 -29.26
N LYS C 203 -18.29 27.73 -28.96
CA LYS C 203 -19.31 28.76 -28.83
C LYS C 203 -18.76 30.02 -29.52
N ASN C 204 -19.16 30.22 -30.77
CA ASN C 204 -18.71 31.37 -31.55
C ASN C 204 -17.21 31.28 -31.82
N GLY C 205 -16.74 30.08 -32.15
CA GLY C 205 -15.33 29.87 -32.45
C GLY C 205 -14.44 29.56 -31.25
N ALA C 206 -14.92 29.78 -30.04
CA ALA C 206 -14.12 29.52 -28.85
C ALA C 206 -14.63 28.32 -28.07
N TRP C 207 -13.71 27.55 -27.50
CA TRP C 207 -14.10 26.39 -26.71
C TRP C 207 -14.60 26.84 -25.35
N THR C 208 -15.77 26.33 -24.97
CA THR C 208 -16.38 26.69 -23.70
C THR C 208 -16.61 25.46 -22.84
N LEU C 209 -16.33 25.58 -21.54
CA LEU C 209 -16.51 24.49 -20.60
C LEU C 209 -17.99 24.22 -20.36
N VAL C 210 -18.47 23.10 -20.88
CA VAL C 210 -19.86 22.69 -20.76
C VAL C 210 -20.04 21.64 -19.68
N GLY C 211 -19.01 20.82 -19.49
CA GLY C 211 -19.10 19.79 -18.47
C GLY C 211 -17.76 19.50 -17.81
N ILE C 212 -17.83 18.85 -16.66
CA ILE C 212 -16.65 18.45 -15.90
C ILE C 212 -16.79 16.94 -15.73
N VAL C 213 -15.77 16.18 -16.12
CA VAL C 213 -15.84 14.72 -16.02
C VAL C 213 -16.22 14.34 -14.60
N SER C 214 -17.28 13.55 -14.46
CA SER C 214 -17.78 13.17 -13.15
C SER C 214 -17.90 11.67 -12.88
N TRP C 215 -18.85 11.01 -13.52
CA TRP C 215 -19.05 9.58 -13.28
C TRP C 215 -19.78 8.86 -14.40
N GLY C 216 -19.82 7.54 -14.31
CA GLY C 216 -20.51 6.76 -15.33
C GLY C 216 -20.35 5.27 -15.14
N SER C 217 -20.24 4.56 -16.26
CA SER C 217 -20.06 3.12 -16.26
C SER C 217 -18.86 2.75 -15.39
N SER C 218 -19.04 1.78 -14.50
CA SER C 218 -17.94 1.37 -13.63
C SER C 218 -16.88 0.57 -14.37
N THR C 219 -17.11 0.31 -15.67
CA THR C 219 -16.13 -0.41 -16.49
C THR C 219 -15.80 0.45 -17.72
N CYS C 220 -16.19 1.72 -17.66
CA CYS C 220 -15.94 2.65 -18.75
C CYS C 220 -16.45 2.15 -20.11
N SER C 221 -17.67 1.62 -20.10
CA SER C 221 -18.28 1.10 -21.34
C SER C 221 -18.52 2.23 -22.33
N THR C 222 -18.14 2.02 -23.58
CA THR C 222 -18.32 3.03 -24.61
C THR C 222 -19.75 3.11 -25.16
N SER C 223 -20.63 2.23 -24.70
CA SER C 223 -22.01 2.22 -25.15
C SER C 223 -22.94 2.77 -24.07
N THR C 224 -22.34 3.27 -23.00
CA THR C 224 -23.08 3.82 -21.88
C THR C 224 -22.85 5.33 -21.80
N PRO C 225 -23.87 6.10 -21.43
CA PRO C 225 -23.72 7.55 -21.31
C PRO C 225 -22.78 7.95 -20.19
N GLY C 226 -21.87 8.88 -20.48
CA GLY C 226 -20.96 9.37 -19.46
C GLY C 226 -21.65 10.53 -18.79
N VAL C 227 -21.40 10.75 -17.50
CA VAL C 227 -22.07 11.85 -16.80
C VAL C 227 -21.05 12.90 -16.39
N TYR C 228 -21.40 14.16 -16.64
CA TYR C 228 -20.53 15.29 -16.35
C TYR C 228 -21.25 16.35 -15.53
N ALA C 229 -20.51 17.12 -14.73
CA ALA C 229 -21.15 18.18 -13.96
C ALA C 229 -21.55 19.22 -15.00
N ARG C 230 -22.81 19.67 -14.96
CA ARG C 230 -23.31 20.64 -15.92
C ARG C 230 -22.88 22.05 -15.51
N VAL C 231 -21.88 22.59 -16.21
CA VAL C 231 -21.34 23.90 -15.90
C VAL C 231 -22.35 25.05 -15.90
N THR C 232 -23.30 25.05 -16.83
CA THR C 232 -24.28 26.13 -16.86
C THR C 232 -25.09 26.21 -15.56
N ALA C 233 -25.29 25.07 -14.91
CA ALA C 233 -26.05 25.05 -13.67
C ALA C 233 -25.18 25.41 -12.47
N LEU C 234 -23.87 25.51 -12.68
CA LEU C 234 -22.95 25.80 -11.60
C LEU C 234 -22.09 27.04 -11.80
N VAL C 235 -22.16 27.64 -12.99
CA VAL C 235 -21.33 28.81 -13.28
C VAL C 235 -21.63 30.04 -12.43
N ASN C 236 -22.87 30.20 -11.97
CA ASN C 236 -23.17 31.36 -11.12
C ASN C 236 -22.40 31.21 -9.82
N TRP C 237 -22.32 29.99 -9.31
CA TRP C 237 -21.59 29.72 -8.09
C TRP C 237 -20.10 30.02 -8.32
N VAL C 238 -19.61 29.67 -9.51
CA VAL C 238 -18.23 29.91 -9.86
C VAL C 238 -17.92 31.41 -9.84
N GLN C 239 -18.73 32.20 -10.55
CA GLN C 239 -18.53 33.64 -10.60
C GLN C 239 -18.59 34.28 -9.21
N GLN C 240 -19.56 33.84 -8.40
CA GLN C 240 -19.71 34.38 -7.05
C GLN C 240 -18.48 34.07 -6.20
N THR C 241 -17.95 32.86 -6.34
CA THR C 241 -16.78 32.45 -5.58
C THR C 241 -15.56 33.28 -5.97
N LEU C 242 -15.37 33.48 -7.27
CA LEU C 242 -14.25 34.27 -7.77
C LEU C 242 -14.36 35.72 -7.30
N ALA C 243 -15.57 36.27 -7.42
CA ALA C 243 -15.83 37.65 -7.03
C ALA C 243 -15.56 37.91 -5.55
N ALA C 244 -15.78 36.89 -4.71
CA ALA C 244 -15.58 37.03 -3.28
C ALA C 244 -14.18 36.64 -2.84
N ASN C 245 -13.36 36.19 -3.78
CA ASN C 245 -12.00 35.76 -3.47
C ASN C 245 -10.98 36.22 -4.49
N ARG D 1 -13.14 -9.03 13.90
CA ARG D 1 -13.08 -7.82 13.03
C ARG D 1 -14.38 -7.67 12.24
N PRO D 2 -14.68 -6.43 11.81
CA PRO D 2 -15.90 -6.18 11.04
C PRO D 2 -15.93 -6.98 9.75
N ASP D 3 -17.12 -7.40 9.34
CA ASP D 3 -17.26 -8.16 8.11
C ASP D 3 -16.87 -7.36 6.86
N PHE D 4 -17.00 -6.03 6.93
CA PHE D 4 -16.65 -5.23 5.75
C PHE D 4 -15.19 -5.38 5.36
N CYS D 5 -14.39 -5.86 6.30
CA CYS D 5 -12.97 -6.08 6.07
C CYS D 5 -12.70 -7.21 5.08
N LEU D 6 -13.70 -8.07 4.89
CA LEU D 6 -13.59 -9.22 4.00
C LEU D 6 -14.13 -8.95 2.60
N GLU D 7 -14.63 -7.73 2.39
CA GLU D 7 -15.17 -7.37 1.10
C GLU D 7 -14.07 -6.90 0.14
N PRO D 8 -14.19 -7.26 -1.15
CA PRO D 8 -13.17 -6.83 -2.11
C PRO D 8 -13.20 -5.31 -2.26
N PRO D 9 -12.08 -4.70 -2.68
CA PRO D 9 -12.01 -3.26 -2.85
C PRO D 9 -13.04 -2.78 -3.88
N TYR D 10 -13.60 -1.60 -3.62
CA TYR D 10 -14.65 -1.04 -4.48
C TYR D 10 -14.24 0.32 -5.05
N THR D 11 -14.02 0.37 -6.36
CA THR D 11 -13.62 1.60 -7.03
C THR D 11 -14.77 2.59 -7.14
N GLY D 12 -15.97 2.09 -7.44
CA GLY D 12 -17.10 2.99 -7.55
C GLY D 12 -17.26 3.55 -8.95
N PRO D 13 -18.34 4.33 -9.19
CA PRO D 13 -18.66 4.93 -10.48
C PRO D 13 -17.96 6.23 -10.87
N CYS D 14 -17.40 6.96 -9.90
CA CYS D 14 -16.71 8.20 -10.23
C CYS D 14 -15.39 7.90 -10.94
N TRP D 15 -14.92 8.85 -11.75
CA TRP D 15 -13.73 8.61 -12.53
C TRP D 15 -12.39 9.21 -12.11
N ALA D 16 -12.17 9.31 -10.80
CA ALA D 16 -10.89 9.80 -10.29
C ALA D 16 -9.96 8.60 -10.16
N ARG D 17 -8.70 8.86 -9.83
CA ARG D 17 -7.70 7.81 -9.67
C ARG D 17 -7.02 8.10 -8.34
N ILE D 18 -7.74 7.80 -7.26
CA ILE D 18 -7.27 8.07 -5.92
C ILE D 18 -6.76 6.82 -5.21
N ILE D 19 -5.55 6.91 -4.68
CA ILE D 19 -4.97 5.76 -3.98
C ILE D 19 -5.56 5.59 -2.59
N ARG D 20 -6.10 4.40 -2.32
CA ARG D 20 -6.66 4.09 -1.02
C ARG D 20 -6.18 2.71 -0.63
N TYR D 21 -6.41 2.32 0.63
CA TYR D 21 -6.01 1.02 1.11
C TYR D 21 -7.20 0.17 1.48
N PHE D 22 -7.08 -1.14 1.26
CA PHE D 22 -8.13 -2.08 1.63
C PHE D 22 -7.45 -3.29 2.27
N TYR D 23 -8.17 -3.96 3.17
CA TYR D 23 -7.61 -5.14 3.81
C TYR D 23 -7.86 -6.36 2.93
N ASN D 24 -6.80 -7.11 2.68
CA ASN D 24 -6.88 -8.33 1.87
C ASN D 24 -6.76 -9.50 2.84
N ALA D 25 -7.89 -10.10 3.20
CA ALA D 25 -7.90 -11.22 4.14
C ALA D 25 -7.05 -12.40 3.68
N LYS D 26 -6.99 -12.62 2.38
CA LYS D 26 -6.20 -13.73 1.83
C LYS D 26 -4.71 -13.55 2.11
N ALA D 27 -4.24 -12.31 2.10
CA ALA D 27 -2.83 -12.03 2.34
C ALA D 27 -2.54 -11.65 3.79
N GLY D 28 -3.56 -11.20 4.50
CA GLY D 28 -3.37 -10.80 5.88
C GLY D 28 -2.80 -9.40 6.06
N LEU D 29 -2.88 -8.59 5.01
CA LEU D 29 -2.37 -7.23 5.09
C LEU D 29 -3.16 -6.27 4.23
N CYS D 30 -2.92 -4.98 4.42
CA CYS D 30 -3.63 -4.00 3.63
C CYS D 30 -2.86 -3.73 2.35
N GLN D 31 -3.61 -3.55 1.27
N GLN D 31 -3.60 -3.56 1.26
CA GLN D 31 -3.06 -3.33 -0.06
CA GLN D 31 -3.00 -3.31 -0.04
C GLN D 31 -3.65 -2.06 -0.65
C GLN D 31 -3.62 -2.04 -0.62
N THR D 32 -2.97 -1.49 -1.64
CA THR D 32 -3.47 -0.28 -2.28
C THR D 32 -4.38 -0.65 -3.43
N PHE D 33 -5.29 0.26 -3.78
CA PHE D 33 -6.19 0.07 -4.90
C PHE D 33 -6.61 1.45 -5.35
N VAL D 34 -7.21 1.54 -6.54
CA VAL D 34 -7.65 2.82 -7.05
C VAL D 34 -9.12 3.05 -6.73
N TYR D 35 -9.39 4.14 -6.04
CA TYR D 35 -10.74 4.53 -5.66
C TYR D 35 -11.18 5.63 -6.61
N GLY D 36 -12.43 5.53 -7.10
CA GLY D 36 -12.96 6.48 -8.06
C GLY D 36 -13.31 7.85 -7.52
N GLY D 37 -13.41 7.99 -6.20
CA GLY D 37 -13.73 9.29 -5.63
C GLY D 37 -15.08 9.43 -4.97
N CYS D 38 -15.99 8.49 -5.22
CA CYS D 38 -17.31 8.56 -4.60
C CYS D 38 -17.90 7.21 -4.24
N ARG D 39 -18.80 7.23 -3.24
CA ARG D 39 -19.51 6.05 -2.76
C ARG D 39 -18.61 4.96 -2.20
N ALA D 40 -17.57 5.37 -1.49
CA ALA D 40 -16.64 4.42 -0.91
C ALA D 40 -17.29 3.43 0.06
N LYS D 41 -16.82 2.18 0.01
N LYS D 41 -16.85 2.18 0.02
CA LYS D 41 -17.32 1.14 0.91
CA LYS D 41 -17.36 1.18 0.95
C LYS D 41 -16.44 1.29 2.16
C LYS D 41 -16.47 1.33 2.18
N ARG D 42 -16.74 0.56 3.22
CA ARG D 42 -15.96 0.67 4.44
C ARG D 42 -14.54 0.15 4.40
N ASN D 43 -14.28 -0.83 3.55
CA ASN D 43 -12.91 -1.36 3.42
C ASN D 43 -12.18 -0.45 2.45
N ASN D 44 -12.01 0.80 2.87
CA ASN D 44 -11.38 1.84 2.08
C ASN D 44 -10.79 2.81 3.09
N PHE D 45 -9.46 2.87 3.14
CA PHE D 45 -8.76 3.73 4.09
C PHE D 45 -7.76 4.65 3.43
N LYS D 46 -7.50 5.78 4.06
CA LYS D 46 -6.56 6.74 3.52
C LYS D 46 -5.11 6.40 3.88
N SER D 47 -4.92 5.49 4.82
CA SER D 47 -3.57 5.10 5.21
C SER D 47 -3.52 3.62 5.54
N ALA D 48 -2.36 3.01 5.34
CA ALA D 48 -2.21 1.60 5.65
C ALA D 48 -2.41 1.40 7.14
N GLU D 49 -1.97 2.36 7.94
CA GLU D 49 -2.11 2.27 9.40
C GLU D 49 -3.57 2.19 9.83
N ASP D 50 -4.40 3.08 9.29
CA ASP D 50 -5.82 3.08 9.62
C ASP D 50 -6.44 1.74 9.24
N CYS D 51 -6.05 1.25 8.08
CA CYS D 51 -6.56 -0.02 7.58
C CYS D 51 -6.16 -1.19 8.50
N LEU D 52 -4.89 -1.25 8.88
CA LEU D 52 -4.43 -2.33 9.75
C LEU D 52 -5.04 -2.26 11.14
N ARG D 53 -5.25 -1.05 11.65
CA ARG D 53 -5.85 -0.88 12.98
C ARG D 53 -7.32 -1.28 12.97
N THR D 54 -7.96 -1.18 11.82
CA THR D 54 -9.38 -1.50 11.72
C THR D 54 -9.69 -2.92 11.27
N CYS D 55 -8.85 -3.43 10.37
CA CYS D 55 -9.10 -4.76 9.81
C CYS D 55 -8.02 -5.82 10.04
N GLY D 56 -6.89 -5.42 10.60
CA GLY D 56 -5.81 -6.38 10.84
C GLY D 56 -6.26 -7.67 11.50
N GLY D 57 -5.89 -8.79 10.90
CA GLY D 57 -6.24 -10.08 11.46
C GLY D 57 -7.61 -10.62 11.07
N ALA D 58 -8.37 -9.86 10.28
CA ALA D 58 -9.68 -10.33 9.86
C ALA D 58 -9.53 -11.55 8.94
S SO4 E . 16.44 -22.05 -2.28
O1 SO4 E . 15.13 -21.42 -2.07
O2 SO4 E . 16.62 -23.18 -1.35
O3 SO4 E . 17.51 -21.07 -2.05
O4 SO4 E . 16.53 -22.55 -3.67
S SO4 F . 27.73 -3.96 20.37
O1 SO4 F . 29.00 -4.60 19.98
O2 SO4 F . 27.77 -2.52 20.04
O3 SO4 F . 27.53 -4.13 21.82
O4 SO4 F . 26.62 -4.61 19.65
S SO4 G . 31.51 -11.53 10.24
O1 SO4 G . 32.84 -11.76 9.64
O2 SO4 G . 30.98 -10.23 9.77
O3 SO4 G . 31.62 -11.51 11.71
O4 SO4 G . 30.59 -12.60 9.83
S SO4 H . 17.88 -4.32 -8.31
O1 SO4 H . 18.43 -5.61 -7.86
O2 SO4 H . 18.77 -3.71 -9.32
O3 SO4 H . 17.75 -3.41 -7.17
O4 SO4 H . 16.55 -4.54 -8.92
S SO4 I . 16.72 -3.67 5.14
O1 SO4 I . 16.60 -5.12 5.39
O2 SO4 I . 16.87 -3.42 3.70
O3 SO4 I . 17.90 -3.15 5.86
O4 SO4 I . 15.52 -2.98 5.65
S SO4 J . 19.41 -13.80 -5.19
O1 SO4 J . 19.00 -12.38 -5.32
O2 SO4 J . 18.34 -14.56 -4.52
O3 SO4 J . 20.63 -13.88 -4.37
O4 SO4 J . 19.64 -14.36 -6.53
S SO4 K . 19.12 2.67 -14.17
O1 SO4 K . 17.85 2.29 -14.81
O2 SO4 K . 19.06 2.36 -12.73
O3 SO4 K . 19.37 4.10 -14.35
O4 SO4 K . 20.21 1.88 -14.78
S SO4 L . -20.34 27.76 -0.83
O1 SO4 L . -19.59 26.64 -1.45
O2 SO4 L . -21.77 27.65 -1.21
O3 SO4 L . -19.80 29.04 -1.31
O4 SO4 L . -20.21 27.68 0.64
S SO4 M . -29.01 18.38 -4.43
O1 SO4 M . -30.15 17.90 -5.23
O2 SO4 M . -29.27 18.16 -3.00
O3 SO4 M . -28.81 19.83 -4.67
O4 SO4 M . -27.80 17.65 -4.83
S SO4 N . -14.42 9.89 0.27
O1 SO4 N . -15.17 9.73 -0.98
O2 SO4 N . -14.11 8.56 0.85
O3 SO4 N . -15.21 10.67 1.23
O4 SO4 N . -13.15 10.59 -0.02
#